data_8BAU
#
_entry.id   8BAU
#
_cell.length_a   44.829
_cell.length_b   66.593
_cell.length_c   72.888
_cell.angle_alpha   90.000
_cell.angle_beta   90.000
_cell.angle_gamma   90.000
#
_symmetry.space_group_name_H-M   'P 21 21 21'
#
loop_
_entity.id
_entity.type
_entity.pdbx_description
1 polymer 'NADAR domain-containing protein'
2 non-polymer '[(2R,3S,4R,5R)-5-(6-AMINOPURIN-9-YL)-3,4-DIHYDROXY-OXOLAN-2-YL]METHYL [HYDROXY-[[(2R,3S,4R,5S)-3,4,5-TRIHYDROXYOXOLAN-2-YL]METHOXY]PHOSPHORYL] HYDROGEN PHOSPHATE'
3 non-polymer 1,2-ETHANEDIOL
4 water water
#
_entity_poly.entity_id   1
_entity_poly.type   'polypeptide(L)'
_entity_poly.pdbx_seq_one_letter_code
;GPMDFVETNSAVYFYGQRDRKFGFLSNFYPCEFTDTEGRRFYSSEQYFMKRKQEMFDRDNEKVAIAILRAKAPAVAKKLG
RQVENYDDEVWAEHRYEVMLEALKLKFSSDEEMAAKLLATGAKRLYEASRHDAIWGIGLSVASVTRMFRESVSFQRTGDV
DAETRSLCFGKNLLGNALMEARAWLQPQD
;
_entity_poly.pdbx_strand_id   A
#
loop_
_chem_comp.id
_chem_comp.type
_chem_comp.name
_chem_comp.formula
AR6 non-polymer '[(2R,3S,4R,5R)-5-(6-AMINOPURIN-9-YL)-3,4-DIHYDROXY-OXOLAN-2-YL]METHYL [HYDROXY-[[(2R,3S,4R,5S)-3,4,5-TRIHYDROXYOXOLAN-2-YL]METHOXY]PHOSPHORYL] HYDROGEN PHOSPHATE' 'C15 H23 N5 O14 P2'
EDO non-polymer 1,2-ETHANEDIOL 'C2 H6 O2'
#
# COMPACT_ATOMS: atom_id res chain seq x y z
N GLY A 1 4.59 -13.05 12.58
CA GLY A 1 5.59 -13.22 13.66
C GLY A 1 6.62 -12.11 13.64
N PRO A 2 7.62 -12.18 14.55
CA PRO A 2 8.70 -11.18 14.67
C PRO A 2 9.57 -10.99 13.42
N MET A 3 9.60 -12.03 12.57
CA MET A 3 10.35 -12.03 11.33
C MET A 3 9.52 -11.46 10.18
N ASP A 4 8.22 -11.17 10.42
CA ASP A 4 7.30 -10.67 9.40
C ASP A 4 7.11 -9.14 9.40
N PHE A 5 7.66 -8.41 10.39
CA PHE A 5 7.73 -6.96 10.33
C PHE A 5 8.93 -6.46 11.16
N VAL A 6 9.35 -5.23 10.92
CA VAL A 6 10.27 -4.53 11.79
C VAL A 6 9.44 -3.38 12.32
N GLU A 7 9.41 -3.25 13.65
CA GLU A 7 8.76 -2.09 14.27
C GLU A 7 9.71 -1.50 15.33
N THR A 8 9.96 -0.19 15.20
CA THR A 8 10.74 0.56 16.16
C THR A 8 9.83 1.65 16.71
N ASN A 9 10.45 2.54 17.50
CA ASN A 9 9.75 3.69 17.97
C ASN A 9 9.39 4.69 16.90
N SER A 10 10.04 4.65 15.74
CA SER A 10 9.85 5.65 14.74
C SER A 10 9.46 5.09 13.36
N ALA A 11 9.27 3.78 13.22
CA ALA A 11 9.13 3.16 11.89
C ALA A 11 8.38 1.85 12.01
N VAL A 12 7.58 1.54 10.97
CA VAL A 12 7.05 0.21 10.74
C VAL A 12 7.38 -0.22 9.30
N TYR A 13 8.06 -1.37 9.20
CA TYR A 13 8.32 -2.02 7.92
C TYR A 13 7.45 -3.28 7.89
N PHE A 14 6.46 -3.26 7.00
CA PHE A 14 5.44 -4.28 6.93
C PHE A 14 5.51 -4.99 5.58
N TYR A 15 4.91 -6.20 5.53
CA TYR A 15 4.71 -6.83 4.25
C TYR A 15 3.60 -7.88 4.39
N GLY A 16 2.58 -7.81 3.58
CA GLY A 16 1.63 -8.90 3.42
C GLY A 16 0.41 -8.76 4.34
N GLN A 17 -0.73 -9.29 3.88
CA GLN A 17 -2.04 -9.17 4.54
C GLN A 17 -2.15 -10.19 5.69
N ARG A 18 -1.19 -11.12 5.82
CA ARG A 18 -1.34 -12.20 6.78
C ARG A 18 -0.93 -11.81 8.21
N ASP A 19 0.14 -11.04 8.42
CA ASP A 19 0.57 -10.64 9.77
C ASP A 19 -0.64 -10.21 10.59
N ARG A 20 -0.78 -10.72 11.81
CA ARG A 20 -1.99 -10.35 12.55
C ARG A 20 -1.98 -8.88 12.99
N LYS A 21 -0.81 -8.28 13.18
CA LYS A 21 -0.81 -6.92 13.65
C LYS A 21 -0.94 -5.92 12.50
N PHE A 22 -0.15 -6.13 11.43
CA PHE A 22 0.01 -5.11 10.37
C PHE A 22 -0.55 -5.60 9.04
N GLY A 23 -1.18 -6.76 9.04
CA GLY A 23 -1.77 -7.28 7.79
C GLY A 23 -2.67 -6.26 7.12
N PHE A 24 -3.37 -5.46 7.94
CA PHE A 24 -4.34 -4.51 7.42
C PHE A 24 -3.71 -3.43 6.52
N LEU A 25 -2.41 -3.22 6.65
CA LEU A 25 -1.75 -2.20 5.81
C LEU A 25 -1.57 -2.69 4.36
N SER A 26 -1.53 -4.01 4.15
CA SER A 26 -1.45 -4.60 2.82
C SER A 26 -2.65 -4.22 1.95
N ASN A 27 -2.43 -3.88 0.67
CA ASN A 27 -3.55 -3.67 -0.21
C ASN A 27 -4.28 -4.96 -0.58
N PHE A 28 -3.69 -6.13 -0.29
CA PHE A 28 -4.38 -7.42 -0.50
C PHE A 28 -5.33 -7.75 0.67
N TYR A 29 -5.36 -6.96 1.74
CA TYR A 29 -6.19 -7.23 2.89
C TYR A 29 -7.66 -7.21 2.52
N PRO A 30 -8.41 -8.28 2.89
CA PRO A 30 -9.83 -8.37 2.53
C PRO A 30 -10.63 -7.34 3.28
N CYS A 31 -11.51 -6.66 2.59
CA CYS A 31 -12.37 -5.69 3.20
C CYS A 31 -13.54 -5.54 2.23
N GLU A 32 -14.39 -4.55 2.46
CA GLU A 32 -15.54 -4.37 1.58
C GLU A 32 -15.96 -2.93 1.63
N PHE A 33 -16.06 -2.30 0.46
CA PHE A 33 -16.43 -0.90 0.40
C PHE A 33 -17.06 -0.62 -0.97
N THR A 34 -17.75 0.51 -1.06
CA THR A 34 -18.37 0.90 -2.30
C THR A 34 -17.86 2.29 -2.65
N ASP A 35 -17.78 2.53 -3.96
CA ASP A 35 -17.45 3.85 -4.44
C ASP A 35 -18.78 4.61 -4.54
N THR A 36 -18.67 5.90 -4.82
CA THR A 36 -19.82 6.78 -5.02
C THR A 36 -20.82 6.19 -6.03
N GLU A 37 -20.32 5.66 -7.17
CA GLU A 37 -21.22 5.09 -8.16
C GLU A 37 -21.82 3.76 -7.71
N GLY A 38 -21.38 3.22 -6.58
CA GLY A 38 -22.05 2.09 -5.97
C GLY A 38 -21.41 0.77 -6.40
N ARG A 39 -20.23 0.79 -7.03
CA ARG A 39 -19.54 -0.46 -7.29
C ARG A 39 -18.90 -0.91 -5.97
N ARG A 40 -18.88 -2.22 -5.78
CA ARG A 40 -18.41 -2.88 -4.58
C ARG A 40 -17.02 -3.46 -4.88
N PHE A 41 -16.12 -3.29 -3.89
CA PHE A 41 -14.71 -3.68 -3.94
C PHE A 41 -14.37 -4.44 -2.67
N TYR A 42 -13.45 -5.39 -2.82
CA TYR A 42 -13.11 -6.29 -1.72
C TYR A 42 -11.66 -6.20 -1.28
N SER A 43 -10.95 -5.16 -1.79
CA SER A 43 -9.61 -4.79 -1.41
C SER A 43 -9.33 -3.43 -2.03
N SER A 44 -8.36 -2.72 -1.45
CA SER A 44 -7.87 -1.46 -2.04
C SER A 44 -7.20 -1.82 -3.37
N GLU A 45 -6.57 -3.00 -3.41
CA GLU A 45 -5.99 -3.48 -4.66
C GLU A 45 -6.98 -3.41 -5.80
N GLN A 46 -8.16 -3.99 -5.60
CA GLN A 46 -9.11 -4.16 -6.70
C GLN A 46 -9.57 -2.79 -7.20
N TYR A 47 -9.77 -1.84 -6.28
CA TYR A 47 -10.22 -0.52 -6.70
C TYR A 47 -9.16 0.21 -7.52
N PHE A 48 -7.90 0.16 -7.07
CA PHE A 48 -6.80 0.75 -7.79
C PHE A 48 -6.70 0.18 -9.21
N MET A 49 -6.89 -1.15 -9.35
CA MET A 49 -6.84 -1.76 -10.68
C MET A 49 -8.04 -1.36 -11.56
N LYS A 50 -9.22 -1.20 -10.93
CA LYS A 50 -10.35 -0.76 -11.72
C LYS A 50 -10.12 0.66 -12.28
N ARG A 51 -9.56 1.54 -11.44
CA ARG A 51 -9.29 2.92 -11.87
C ARG A 51 -8.20 2.94 -12.96
N LYS A 52 -7.22 2.01 -12.95
CA LYS A 52 -6.29 1.88 -14.07
C LYS A 52 -6.99 1.53 -15.39
N GLN A 53 -7.90 0.53 -15.38
CA GLN A 53 -8.62 0.12 -16.56
C GLN A 53 -9.49 1.32 -17.00
N GLU A 54 -10.16 1.97 -16.07
CA GLU A 54 -10.98 3.14 -16.40
C GLU A 54 -10.19 4.28 -17.05
N MET A 55 -8.93 4.41 -16.68
CA MET A 55 -8.09 5.50 -17.17
C MET A 55 -7.62 5.24 -18.61
N PHE A 56 -7.32 3.99 -18.95
CA PHE A 56 -6.69 3.60 -20.21
C PHE A 56 -7.63 2.88 -21.19
N ASP A 57 -8.70 2.23 -20.73
CA ASP A 57 -9.49 1.32 -21.57
C ASP A 57 -10.92 1.32 -20.99
N ARG A 58 -11.49 2.51 -20.97
CA ARG A 58 -12.67 2.77 -20.19
C ARG A 58 -13.86 1.97 -20.72
N ASP A 59 -13.92 1.74 -22.05
CA ASP A 59 -15.10 1.14 -22.69
C ASP A 59 -14.96 -0.37 -22.87
N ASN A 60 -13.98 -0.99 -22.23
CA ASN A 60 -13.69 -2.40 -22.40
C ASN A 60 -14.57 -3.14 -21.40
N GLU A 61 -15.65 -3.75 -21.91
CA GLU A 61 -16.67 -4.33 -21.04
C GLU A 61 -16.07 -5.55 -20.32
N LYS A 62 -15.47 -6.46 -21.11
CA LYS A 62 -14.89 -7.70 -20.60
C LYS A 62 -13.90 -7.43 -19.44
N VAL A 63 -13.01 -6.44 -19.63
CA VAL A 63 -11.95 -6.15 -18.69
C VAL A 63 -12.55 -5.43 -17.47
N ALA A 64 -13.55 -4.56 -17.66
CA ALA A 64 -14.15 -3.87 -16.51
C ALA A 64 -14.85 -4.90 -15.59
N ILE A 65 -15.63 -5.79 -16.23
CA ILE A 65 -16.34 -6.84 -15.52
C ILE A 65 -15.34 -7.73 -14.80
N ALA A 66 -14.30 -8.17 -15.54
CA ALA A 66 -13.31 -9.09 -14.94
C ALA A 66 -12.65 -8.45 -13.68
N ILE A 67 -12.31 -7.15 -13.75
CA ILE A 67 -11.76 -6.52 -12.53
C ILE A 67 -12.82 -6.41 -11.41
N LEU A 68 -14.05 -6.05 -11.74
CA LEU A 68 -15.10 -5.98 -10.73
C LEU A 68 -15.40 -7.37 -10.17
N ARG A 69 -15.08 -8.43 -10.91
CA ARG A 69 -15.28 -9.78 -10.39
C ARG A 69 -14.06 -10.32 -9.62
N ALA A 70 -12.89 -9.67 -9.75
CA ALA A 70 -11.62 -10.11 -9.19
C ALA A 70 -11.54 -9.77 -7.67
N LYS A 71 -12.27 -10.57 -6.89
CA LYS A 71 -12.28 -10.48 -5.41
C LYS A 71 -10.90 -10.86 -4.89
N ALA A 72 -10.20 -11.79 -5.57
CA ALA A 72 -8.83 -12.15 -5.23
C ALA A 72 -7.89 -11.05 -5.72
N PRO A 73 -7.18 -10.38 -4.79
CA PRO A 73 -6.37 -9.22 -5.16
C PRO A 73 -5.29 -9.53 -6.21
N ALA A 74 -4.69 -10.75 -6.14
CA ALA A 74 -3.66 -11.12 -7.12
C ALA A 74 -4.27 -11.25 -8.51
N VAL A 75 -5.55 -11.62 -8.62
CA VAL A 75 -6.21 -11.69 -9.91
C VAL A 75 -6.47 -10.29 -10.44
N ALA A 76 -6.84 -9.37 -9.56
CA ALA A 76 -7.07 -7.97 -9.94
C ALA A 76 -5.75 -7.37 -10.47
N LYS A 77 -4.66 -7.65 -9.77
CA LYS A 77 -3.35 -7.15 -10.15
C LYS A 77 -2.94 -7.60 -11.55
N LYS A 78 -3.11 -8.90 -11.80
CA LYS A 78 -2.73 -9.44 -13.09
C LYS A 78 -3.58 -8.83 -14.20
N LEU A 79 -4.88 -8.70 -14.01
CA LEU A 79 -5.71 -7.96 -14.94
C LEU A 79 -5.19 -6.55 -15.17
N GLY A 80 -4.73 -5.91 -14.07
CA GLY A 80 -4.22 -4.56 -14.19
C GLY A 80 -2.97 -4.49 -15.07
N ARG A 81 -2.15 -5.55 -15.03
CA ARG A 81 -0.92 -5.59 -15.81
C ARG A 81 -1.27 -5.76 -17.29
N GLN A 82 -2.48 -6.23 -17.58
CA GLN A 82 -2.91 -6.54 -18.94
C GLN A 82 -3.77 -5.42 -19.54
N VAL A 83 -4.00 -4.34 -18.78
CA VAL A 83 -4.87 -3.28 -19.26
C VAL A 83 -4.25 -2.71 -20.54
N GLU A 84 -5.10 -2.54 -21.58
CA GLU A 84 -4.60 -2.07 -22.88
C GLU A 84 -4.52 -0.53 -22.94
N ASN A 85 -3.78 -0.01 -23.95
CA ASN A 85 -3.50 1.42 -24.12
C ASN A 85 -2.80 2.01 -22.89
N TYR A 86 -2.06 1.18 -22.13
CA TYR A 86 -1.38 1.65 -20.92
C TYR A 86 -0.33 2.70 -21.29
N ASP A 87 -0.28 3.83 -20.57
CA ASP A 87 0.74 4.83 -20.82
C ASP A 87 1.47 5.07 -19.51
N ASP A 88 2.75 4.69 -19.39
CA ASP A 88 3.38 4.73 -18.07
C ASP A 88 3.51 6.15 -17.56
N GLU A 89 3.69 7.09 -18.49
CA GLU A 89 4.00 8.43 -18.07
C GLU A 89 2.76 8.99 -17.41
N VAL A 90 1.61 8.67 -18.03
CA VAL A 90 0.34 9.15 -17.52
C VAL A 90 0.02 8.43 -16.19
N TRP A 91 0.22 7.11 -16.16
CA TRP A 91 -0.07 6.41 -14.88
C TRP A 91 0.82 6.91 -13.77
N ALA A 92 2.08 7.13 -14.07
CA ALA A 92 2.98 7.60 -13.06
C ALA A 92 2.54 8.94 -12.46
N GLU A 93 1.96 9.82 -13.26
CA GLU A 93 1.46 11.09 -12.80
C GLU A 93 0.25 10.93 -11.90
N HIS A 94 -0.62 9.91 -12.10
CA HIS A 94 -1.92 9.85 -11.48
C HIS A 94 -2.03 8.73 -10.39
N ARG A 95 -1.09 7.80 -10.37
CA ARG A 95 -1.36 6.55 -9.62
C ARG A 95 -1.31 6.75 -8.08
N TYR A 96 -0.44 7.66 -7.57
CA TYR A 96 -0.44 7.97 -6.16
C TYR A 96 -1.80 8.45 -5.70
N GLU A 97 -2.37 9.41 -6.43
CA GLU A 97 -3.63 9.98 -5.96
C GLU A 97 -4.76 8.95 -6.07
N VAL A 98 -4.68 8.03 -7.06
CA VAL A 98 -5.65 6.96 -7.17
C VAL A 98 -5.52 6.04 -5.96
N MET A 99 -4.30 5.67 -5.64
CA MET A 99 -4.12 4.84 -4.45
C MET A 99 -4.62 5.53 -3.19
N LEU A 100 -4.36 6.82 -3.04
CA LEU A 100 -4.78 7.50 -1.82
C LEU A 100 -6.33 7.45 -1.73
N GLU A 101 -7.02 7.62 -2.88
CA GLU A 101 -8.46 7.44 -2.91
C GLU A 101 -8.85 6.01 -2.49
N ALA A 102 -8.15 5.01 -3.02
CA ALA A 102 -8.45 3.62 -2.65
C ALA A 102 -8.37 3.46 -1.12
N LEU A 103 -7.37 4.07 -0.52
CA LEU A 103 -7.11 3.91 0.91
C LEU A 103 -8.18 4.66 1.72
N LYS A 104 -8.62 5.83 1.20
CA LYS A 104 -9.69 6.56 1.84
C LYS A 104 -10.99 5.77 1.87
N LEU A 105 -11.32 5.07 0.76
CA LEU A 105 -12.49 4.22 0.71
C LEU A 105 -12.31 3.05 1.67
N LYS A 106 -11.14 2.40 1.64
CA LYS A 106 -10.91 1.21 2.45
C LYS A 106 -11.05 1.56 3.94
N PHE A 107 -10.27 2.55 4.37
CA PHE A 107 -10.20 2.85 5.81
C PHE A 107 -11.47 3.53 6.30
N SER A 108 -12.21 4.17 5.38
CA SER A 108 -13.51 4.75 5.73
C SER A 108 -14.57 3.68 5.98
N SER A 109 -14.35 2.47 5.45
CA SER A 109 -15.33 1.40 5.40
C SER A 109 -15.41 0.69 6.74
N ASP A 110 -14.42 0.83 7.60
CA ASP A 110 -14.35 0.08 8.84
C ASP A 110 -13.64 0.90 9.91
N GLU A 111 -14.32 1.27 11.02
CA GLU A 111 -13.66 2.10 12.03
C GLU A 111 -12.53 1.39 12.74
N GLU A 112 -12.62 0.06 12.85
CA GLU A 112 -11.59 -0.72 13.49
C GLU A 112 -10.29 -0.64 12.66
N MET A 113 -10.43 -0.67 11.31
CA MET A 113 -9.25 -0.61 10.45
C MET A 113 -8.65 0.78 10.53
N ALA A 114 -9.53 1.79 10.45
CA ALA A 114 -9.12 3.15 10.69
C ALA A 114 -8.39 3.28 12.03
N ALA A 115 -8.89 2.65 13.11
CA ALA A 115 -8.27 2.88 14.41
C ALA A 115 -6.85 2.32 14.41
N LYS A 116 -6.70 1.16 13.72
CA LYS A 116 -5.43 0.48 13.61
C LYS A 116 -4.39 1.33 12.90
N LEU A 117 -4.81 2.07 11.83
CA LEU A 117 -3.86 2.92 11.11
C LEU A 117 -3.47 4.11 12.01
N LEU A 118 -4.45 4.69 12.70
CA LEU A 118 -4.17 5.78 13.64
C LEU A 118 -3.27 5.34 14.78
N ALA A 119 -3.43 4.12 15.27
CA ALA A 119 -2.61 3.56 16.34
C ALA A 119 -1.13 3.52 15.95
N THR A 120 -0.76 3.60 14.65
CA THR A 120 0.64 3.70 14.27
C THR A 120 1.23 5.09 14.52
N GLY A 121 0.42 6.04 15.01
CA GLY A 121 0.97 7.30 15.47
C GLY A 121 1.62 8.09 14.36
N ALA A 122 2.88 8.47 14.56
CA ALA A 122 3.64 9.18 13.55
C ALA A 122 4.79 8.32 12.99
N LYS A 123 4.78 7.04 13.25
CA LYS A 123 5.83 6.18 12.71
C LYS A 123 5.84 6.30 11.18
N ARG A 124 7.06 6.32 10.62
CA ARG A 124 7.19 6.20 9.18
C ARG A 124 6.81 4.77 8.74
N LEU A 125 6.03 4.69 7.64
CA LEU A 125 5.50 3.40 7.21
C LEU A 125 6.19 3.06 5.89
N TYR A 126 6.68 1.82 5.79
CA TYR A 126 7.40 1.32 4.65
C TYR A 126 6.88 -0.06 4.29
N GLU A 127 6.49 -0.24 3.03
CA GLU A 127 6.22 -1.60 2.57
C GLU A 127 7.54 -2.26 2.17
N ALA A 128 7.92 -3.27 2.96
CA ALA A 128 9.12 -4.06 2.73
C ALA A 128 8.82 -5.23 1.80
N SER A 129 8.53 -4.88 0.53
CA SER A 129 8.35 -5.85 -0.53
C SER A 129 9.65 -5.97 -1.32
N ARG A 130 10.26 -7.17 -1.42
CA ARG A 130 11.52 -7.30 -2.14
C ARG A 130 11.32 -7.03 -3.61
N HIS A 131 10.16 -7.35 -4.18
CA HIS A 131 10.05 -7.24 -5.63
C HIS A 131 9.37 -5.97 -6.11
N ASP A 132 8.85 -5.14 -5.21
CA ASP A 132 8.19 -3.90 -5.65
C ASP A 132 8.91 -2.68 -5.10
N ALA A 133 9.62 -1.99 -6.00
CA ALA A 133 10.38 -0.81 -5.69
C ALA A 133 9.66 0.49 -6.10
N ILE A 134 8.37 0.38 -6.52
CA ILE A 134 7.50 1.51 -6.79
C ILE A 134 6.55 1.72 -5.58
N TRP A 135 5.69 0.73 -5.34
CA TRP A 135 4.82 0.79 -4.18
C TRP A 135 5.51 0.45 -2.85
N GLY A 136 6.54 -0.35 -2.89
CA GLY A 136 7.39 -0.64 -1.74
C GLY A 136 8.78 -0.06 -1.87
N ILE A 137 9.65 -0.53 -0.98
CA ILE A 137 11.05 -0.11 -0.94
C ILE A 137 11.95 -1.10 -1.68
N GLY A 138 11.43 -2.22 -2.18
CA GLY A 138 12.21 -3.13 -3.00
C GLY A 138 13.24 -3.89 -2.17
N LEU A 139 12.88 -4.10 -0.91
CA LEU A 139 13.66 -4.91 0.03
C LEU A 139 12.73 -5.72 0.87
N SER A 140 13.19 -6.92 1.24
CA SER A 140 12.43 -7.76 2.13
C SER A 140 12.56 -7.25 3.57
N VAL A 141 11.62 -7.71 4.41
CA VAL A 141 11.73 -7.56 5.88
C VAL A 141 13.07 -8.08 6.42
N ALA A 142 13.59 -9.19 5.84
CA ALA A 142 14.85 -9.75 6.34
C ALA A 142 15.97 -8.79 6.04
N SER A 143 15.93 -8.20 4.81
CA SER A 143 16.98 -7.32 4.36
CA SER A 143 17.01 -7.34 4.39
C SER A 143 17.04 -6.12 5.30
N VAL A 144 15.85 -5.53 5.57
CA VAL A 144 15.75 -4.40 6.47
C VAL A 144 16.30 -4.81 7.87
N THR A 145 15.91 -5.97 8.33
CA THR A 145 16.37 -6.47 9.63
C THR A 145 17.91 -6.52 9.71
N ARG A 146 18.59 -6.98 8.64
CA ARG A 146 20.05 -6.92 8.57
C ARG A 146 20.58 -5.50 8.54
N MET A 147 19.91 -4.54 7.87
CA MET A 147 20.37 -3.16 7.88
C MET A 147 20.36 -2.63 9.33
N PHE A 148 19.33 -2.98 10.08
CA PHE A 148 19.24 -2.48 11.45
C PHE A 148 20.30 -3.13 12.32
N ARG A 149 20.45 -4.44 12.18
CA ARG A 149 21.37 -5.17 13.06
C ARG A 149 22.81 -4.68 12.89
N GLU A 150 23.19 -4.21 11.68
CA GLU A 150 24.57 -3.86 11.40
C GLU A 150 24.80 -2.38 11.72
N SER A 151 23.75 -1.65 12.13
CA SER A 151 23.85 -0.22 12.38
C SER A 151 23.39 0.15 13.80
N VAL A 152 24.36 0.46 14.68
CA VAL A 152 24.02 0.93 16.03
C VAL A 152 23.21 2.23 15.93
N SER A 153 23.42 3.07 14.91
CA SER A 153 22.70 4.32 14.76
C SER A 153 21.25 4.20 14.28
N PHE A 154 20.97 3.25 13.39
CA PHE A 154 19.60 2.96 12.97
C PHE A 154 18.86 2.44 14.20
N GLN A 155 19.55 1.60 14.98
CA GLN A 155 19.04 1.06 16.24
C GLN A 155 18.73 2.24 17.17
N ARG A 156 19.60 3.27 17.23
CA ARG A 156 19.38 4.40 18.14
C ARG A 156 18.21 5.29 17.69
N THR A 157 18.07 5.61 16.41
CA THR A 157 16.97 6.49 16.00
C THR A 157 15.69 5.71 15.68
N GLY A 158 15.78 4.40 15.45
CA GLY A 158 14.62 3.63 15.06
C GLY A 158 14.33 3.61 13.53
N ASP A 159 15.16 4.29 12.74
CA ASP A 159 14.94 4.26 11.29
C ASP A 159 16.32 4.35 10.62
N VAL A 160 16.34 3.97 9.35
CA VAL A 160 17.47 4.23 8.49
C VAL A 160 17.46 5.73 8.12
N ASP A 161 18.64 6.34 7.90
CA ASP A 161 18.74 7.77 7.63
C ASP A 161 18.39 8.08 6.18
N ALA A 162 18.17 9.37 5.91
CA ALA A 162 17.59 9.80 4.63
C ALA A 162 18.50 9.49 3.43
N GLU A 163 19.80 9.67 3.60
CA GLU A 163 20.75 9.36 2.57
C GLU A 163 20.68 7.86 2.25
N THR A 164 20.65 7.05 3.31
CA THR A 164 20.56 5.61 3.11
C THR A 164 19.27 5.30 2.38
N ARG A 165 18.16 5.93 2.77
CA ARG A 165 16.91 5.64 2.11
C ARG A 165 17.01 6.01 0.63
N SER A 166 17.63 7.19 0.36
CA SER A 166 17.72 7.67 -1.01
C SER A 166 18.54 6.70 -1.85
N LEU A 167 19.52 5.98 -1.27
CA LEU A 167 20.39 5.09 -2.08
C LEU A 167 19.86 3.65 -2.09
N CYS A 168 19.11 3.26 -1.01
CA CYS A 168 18.80 1.85 -0.81
C CYS A 168 17.34 1.50 -1.07
N PHE A 169 16.42 2.49 -0.93
CA PHE A 169 14.98 2.19 -0.96
C PHE A 169 14.33 2.62 -2.25
N GLY A 170 13.31 1.85 -2.65
CA GLY A 170 12.45 2.19 -3.74
C GLY A 170 11.49 3.30 -3.27
N LYS A 171 10.50 3.59 -4.12
CA LYS A 171 9.72 4.81 -3.90
C LYS A 171 8.74 4.71 -2.74
N ASN A 172 8.37 3.47 -2.33
CA ASN A 172 7.47 3.33 -1.17
C ASN A 172 6.22 4.19 -1.35
N LEU A 173 5.60 4.16 -2.52
CA LEU A 173 4.40 4.93 -2.75
C LEU A 173 3.29 4.44 -1.82
N LEU A 174 3.23 3.14 -1.48
CA LEU A 174 2.19 2.68 -0.57
C LEU A 174 2.40 3.20 0.84
N GLY A 175 3.61 3.04 1.37
CA GLY A 175 3.83 3.56 2.71
C GLY A 175 3.50 5.07 2.79
N ASN A 176 3.88 5.83 1.75
CA ASN A 176 3.59 7.26 1.73
C ASN A 176 2.09 7.52 1.69
N ALA A 177 1.37 6.77 0.85
CA ALA A 177 -0.06 6.91 0.66
C ALA A 177 -0.73 6.57 2.00
N LEU A 178 -0.28 5.54 2.72
CA LEU A 178 -0.80 5.15 4.04
C LEU A 178 -0.60 6.27 5.08
N MET A 179 0.57 6.91 5.04
CA MET A 179 0.82 7.99 5.96
C MET A 179 -0.05 9.21 5.62
N GLU A 180 -0.41 9.40 4.34
CA GLU A 180 -1.28 10.48 4.00
C GLU A 180 -2.75 10.16 4.34
N ALA A 181 -3.12 8.90 4.20
CA ALA A 181 -4.43 8.47 4.63
C ALA A 181 -4.56 8.59 6.15
N ARG A 182 -3.49 8.20 6.83
CA ARG A 182 -3.48 8.28 8.30
C ARG A 182 -3.69 9.73 8.77
N ALA A 183 -3.06 10.68 8.09
CA ALA A 183 -3.25 12.09 8.40
C ALA A 183 -4.69 12.49 8.18
N TRP A 184 -5.27 12.09 7.04
CA TRP A 184 -6.63 12.36 6.64
C TRP A 184 -7.63 11.79 7.64
N LEU A 185 -7.28 10.67 8.28
CA LEU A 185 -8.19 10.02 9.19
C LEU A 185 -8.09 10.68 10.59
N GLN A 186 -7.09 11.52 10.84
CA GLN A 186 -6.94 12.11 12.18
C GLN A 186 -8.24 12.82 12.59
N PRO A 187 -8.69 12.81 13.87
CA PRO A 187 -9.95 13.46 14.23
C PRO A 187 -9.80 14.97 14.00
N GLN A 188 -10.89 15.60 13.57
CA GLN A 188 -10.88 17.03 13.24
C GLN A 188 -11.56 17.87 14.35
N ASP A 189 -11.99 17.21 15.46
CA ASP A 189 -12.47 17.94 16.64
C ASP A 189 -12.29 17.02 17.86
N1 AR6 B . 0.73 -2.49 -19.23
C2 AR6 B . 2.05 -2.23 -19.19
N3 AR6 B . 2.89 -2.12 -18.14
C4 AR6 B . 2.20 -2.03 -17.00
C5 AR6 B . 0.84 -2.15 -16.87
C6 AR6 B . 0.07 -2.33 -18.04
N6 AR6 B . -1.24 -2.31 -18.07
N7 AR6 B . 0.51 -1.94 -15.50
C8 AR6 B . 1.65 -1.82 -14.91
N9 AR6 B . 2.69 -1.84 -15.73
PA AR6 B . 1.41 0.09 -11.11
PB AR6 B . 1.47 -2.69 -9.95
C1' AR6 B . 4.08 -1.75 -15.37
O1A AR6 B . 1.96 1.36 -10.50
O1B AR6 B . 2.82 -3.14 -9.54
C1D AR6 B . 0.90 -4.23 -5.28
O1D AR6 B . 0.32 -5.11 -4.38
C2' AR6 B . 4.72 -0.41 -15.60
O2' AR6 B . 6.12 -0.52 -15.70
O2A AR6 B . 0.04 -0.03 -11.59
O2B AR6 B . 0.77 -3.08 -11.20
C2D AR6 B . 1.13 -2.83 -4.61
O2D AR6 B . 1.37 -2.89 -3.22
C3' AR6 B . 4.39 0.36 -14.29
O3' AR6 B . 5.31 1.39 -13.96
O3A AR6 B . 1.65 -1.07 -9.97
C3D AR6 B . -0.04 -2.01 -5.09
O3D AR6 B . -1.22 -2.16 -4.31
C4' AR6 B . 4.61 -0.79 -13.28
O4' AR6 B . 4.19 -2.00 -13.98
C4D AR6 B . -0.25 -2.56 -6.50
O4D AR6 B . 0.01 -4.01 -6.39
C5' AR6 B . 3.84 -0.66 -11.96
O5' AR6 B . 2.46 -0.43 -12.18
C5D AR6 B . 0.73 -2.08 -7.57
O5D AR6 B . 0.35 -2.74 -8.81
C1 EDO C . 4.78 10.58 -5.07
O1 EDO C . 4.26 10.82 -3.71
C2 EDO C . 3.96 11.25 -6.16
O2 EDO C . 3.50 10.37 -7.19
C1 EDO D . 11.45 6.08 0.15
O1 EDO D . 12.67 6.58 -0.45
C2 EDO D . 11.10 6.51 1.58
O2 EDO D . 9.60 6.63 1.83
C1 EDO E . -18.34 -14.36 -10.10
O1 EDO E . -19.18 -13.45 -10.86
C2 EDO E . -16.90 -14.28 -10.39
O2 EDO E . -16.54 -14.52 -11.74
C1 EDO F . -16.22 4.96 -14.51
O1 EDO F . -17.50 4.89 -13.96
C2 EDO F . -16.03 3.96 -15.60
O2 EDO F . -16.58 2.66 -15.30
C1 EDO G . 2.38 12.71 -2.31
O1 EDO G . 3.39 12.25 -1.40
C2 EDO G . 1.67 13.96 -1.87
O2 EDO G . 0.22 13.99 -1.77
#